data_5G2S
#
_entry.id   5G2S
#
_cell.length_a   65.900
_cell.length_b   122.330
_cell.length_c   131.620
_cell.angle_alpha   90.00
_cell.angle_beta   90.00
_cell.angle_gamma   90.00
#
_symmetry.space_group_name_H-M   'I 2 2 2'
#
loop_
_entity.id
_entity.type
_entity.pdbx_description
1 polymer 'MOLYBDOPTERIN BIOSYNTHESIS PROTEIN CNX1'
2 non-polymer 'MOLYBDATE ION'
3 non-polymer GLYCEROL
4 non-polymer 'MAGNESIUM ION'
5 water water
#
_entity_poly.entity_id   1
_entity_poly.type   'polypeptide(L)'
_entity_poly.pdbx_seq_one_letter_code
;MSRGSMEGQGCCGGGGGKTEMIPTEEALRIVFGVSKRLPPVIVSLYEALGKVLAEDIRAPDPLPPYPASVKDGYAVVASD
GPGEYPVITESRAGNDGLGVTVTPGTVAYVTTGGPIPDGADAVVQVEDTKVIGDVSTESKRVKILIQTKKGTDIRRVGCD
IEKDATVLTTGERIGASEIGLLATAGVTMVKVYPMPIVAILSTGDELVEPTAGTLGRGQIRDSNRAMLVAAVMQQQCKVV
DLGIVRDDRKELEKVLDEAVSSGVDIILTSGGVSMGDRDFVKPLLEEKGKVYFSKVLMKPGKPLTFAEIRAKPTESMLGK
TVLAFGLPGNPVSCLVCFNIFVVPTIRQLAGWTSPHPLRVRLRLQEPIKSDPIRPEFHRAIIKWKDNDGSGTPGFVAEST
GHQMSSRLLSMRSANALLELPATGNVLSAGSSVSAIIVSDISAFSIDKKASLSEPGSTSGGSAWSHPQFEK
;
_entity_poly.pdbx_strand_id   A
#
loop_
_chem_comp.id
_chem_comp.type
_chem_comp.name
_chem_comp.formula
GOL non-polymer GLYCEROL 'C3 H8 O3'
MG non-polymer 'MAGNESIUM ION' 'Mg 2'
MOO non-polymer 'MOLYBDATE ION' 'Mo O4 -2'
#
# COMPACT_ATOMS: atom_id res chain seq x y z
N GLU A 20 -24.28 -22.81 -11.70
CA GLU A 20 -24.55 -21.41 -11.42
C GLU A 20 -23.30 -20.72 -10.89
N MET A 21 -22.16 -21.38 -11.05
CA MET A 21 -20.88 -20.85 -10.59
C MET A 21 -20.30 -19.92 -11.65
N ILE A 22 -19.82 -18.77 -11.22
CA ILE A 22 -19.20 -17.77 -12.09
C ILE A 22 -17.70 -17.93 -11.99
N PRO A 23 -16.96 -17.90 -13.10
CA PRO A 23 -15.50 -17.95 -13.00
C PRO A 23 -14.95 -16.75 -12.26
N THR A 24 -13.79 -16.95 -11.61
CA THR A 24 -13.21 -15.90 -10.77
C THR A 24 -12.87 -14.66 -11.59
N GLU A 25 -12.40 -14.86 -12.83
CA GLU A 25 -12.07 -13.72 -13.69
C GLU A 25 -13.31 -12.88 -13.96
N GLU A 26 -14.43 -13.52 -14.27
CA GLU A 26 -15.69 -12.80 -14.43
C GLU A 26 -16.22 -12.27 -13.10
N ALA A 27 -15.95 -12.98 -11.99
CA ALA A 27 -16.46 -12.56 -10.70
C ALA A 27 -15.93 -11.18 -10.32
N LEU A 28 -14.61 -11.00 -10.33
CA LEU A 28 -14.04 -9.69 -10.02
C LEU A 28 -14.22 -8.70 -11.16
N ARG A 29 -14.47 -9.19 -12.39
CA ARG A 29 -14.86 -8.29 -13.47
C ARG A 29 -16.16 -7.58 -13.13
N ILE A 30 -17.08 -8.27 -12.45
CA ILE A 30 -18.30 -7.63 -11.99
C ILE A 30 -17.99 -6.61 -10.91
N VAL A 31 -17.18 -7.00 -9.93
CA VAL A 31 -16.86 -6.12 -8.81
C VAL A 31 -16.15 -4.87 -9.30
N PHE A 32 -15.16 -5.05 -10.20
CA PHE A 32 -14.47 -3.91 -10.76
C PHE A 32 -15.40 -3.02 -11.58
N GLY A 33 -16.53 -3.55 -12.03
CA GLY A 33 -17.49 -2.76 -12.77
C GLY A 33 -18.52 -2.07 -11.90
N VAL A 34 -18.74 -2.59 -10.70
CA VAL A 34 -19.72 -2.02 -9.78
C VAL A 34 -19.06 -1.03 -8.82
N SER A 35 -17.83 -1.32 -8.40
CA SER A 35 -17.17 -0.48 -7.41
C SER A 35 -16.70 0.81 -8.06
N LYS A 36 -17.03 1.94 -7.43
CA LYS A 36 -16.68 3.27 -7.91
C LYS A 36 -15.80 3.98 -6.90
N ARG A 37 -14.81 4.71 -7.41
CA ARG A 37 -13.87 5.43 -6.57
C ARG A 37 -14.57 6.45 -5.69
N LEU A 38 -14.08 6.59 -4.46
CA LEU A 38 -14.68 7.48 -3.47
C LEU A 38 -14.40 8.94 -3.78
N PRO A 39 -15.26 9.86 -3.32
CA PRO A 39 -14.98 11.29 -3.50
C PRO A 39 -13.77 11.71 -2.70
N PRO A 40 -13.01 12.69 -3.17
CA PRO A 40 -11.78 13.09 -2.47
C PRO A 40 -12.07 13.88 -1.19
N VAL A 41 -11.09 13.84 -0.29
CA VAL A 41 -11.18 14.51 1.01
C VAL A 41 -9.87 15.24 1.27
N ILE A 42 -9.96 16.38 1.96
CA ILE A 42 -8.77 17.09 2.43
C ILE A 42 -8.33 16.49 3.76
N VAL A 43 -7.05 16.14 3.85
CA VAL A 43 -6.47 15.58 5.07
C VAL A 43 -5.19 16.33 5.40
N SER A 44 -4.65 16.06 6.59
CA SER A 44 -3.39 16.64 7.03
C SER A 44 -2.22 15.82 6.48
N LEU A 45 -1.02 16.41 6.58
CA LEU A 45 0.16 15.82 5.93
C LEU A 45 0.42 14.39 6.38
N TYR A 46 0.40 14.17 7.70
CA TYR A 46 0.63 12.82 8.21
C TYR A 46 -0.56 11.92 7.92
N GLU A 47 -1.77 12.47 7.97
CA GLU A 47 -2.95 11.70 7.56
C GLU A 47 -2.92 11.31 6.09
N ALA A 48 -2.03 11.91 5.29
CA ALA A 48 -1.96 11.59 3.88
C ALA A 48 -1.04 10.41 3.58
N LEU A 49 -0.36 9.88 4.59
CA LEU A 49 0.52 8.74 4.39
C LEU A 49 -0.27 7.54 3.89
N GLY A 50 0.24 6.89 2.84
CA GLY A 50 -0.41 5.73 2.28
C GLY A 50 -1.57 6.01 1.34
N LYS A 51 -2.18 7.18 1.42
CA LYS A 51 -3.33 7.48 0.58
C LYS A 51 -2.89 7.95 -0.81
N VAL A 52 -3.87 7.99 -1.73
CA VAL A 52 -3.63 8.29 -3.13
C VAL A 52 -3.89 9.77 -3.38
N LEU A 53 -2.99 10.41 -4.12
CA LEU A 53 -3.08 11.84 -4.37
C LEU A 53 -4.21 12.13 -5.36
N ALA A 54 -5.07 13.09 -5.00
CA ALA A 54 -6.22 13.47 -5.81
C ALA A 54 -6.07 14.87 -6.41
N GLU A 55 -4.86 15.42 -6.40
CA GLU A 55 -4.62 16.73 -6.97
C GLU A 55 -3.16 16.79 -7.43
N ASP A 56 -2.87 17.75 -8.28
CA ASP A 56 -1.51 18.01 -8.73
C ASP A 56 -0.84 19.00 -7.78
N ILE A 57 0.39 18.69 -7.37
CA ILE A 57 1.16 19.55 -6.48
C ILE A 57 2.20 20.30 -7.30
N ARG A 58 2.21 21.62 -7.17
CA ARG A 58 3.22 22.47 -7.81
C ARG A 58 4.03 23.18 -6.74
N ALA A 59 5.34 23.30 -6.96
CA ALA A 59 6.20 23.96 -5.98
C ALA A 59 6.00 25.47 -6.07
N PRO A 60 5.78 26.17 -4.96
CA PRO A 60 5.53 27.61 -5.03
C PRO A 60 6.78 28.44 -5.19
N ASP A 61 7.91 27.92 -4.73
CA ASP A 61 9.22 28.51 -4.90
C ASP A 61 10.19 27.43 -5.35
N PRO A 62 11.33 27.82 -5.94
CA PRO A 62 12.28 26.81 -6.41
C PRO A 62 13.14 26.25 -5.29
N LEU A 63 13.78 25.12 -5.59
CA LEU A 63 14.70 24.50 -4.64
C LEU A 63 16.03 24.19 -5.31
N PRO A 64 17.11 24.83 -4.86
CA PRO A 64 17.08 25.83 -3.78
C PRO A 64 16.63 27.19 -4.27
N PRO A 65 15.93 27.96 -3.42
CA PRO A 65 15.51 29.31 -3.81
C PRO A 65 16.66 30.31 -3.88
N TYR A 66 17.88 29.88 -3.59
CA TYR A 66 19.08 30.72 -3.61
C TYR A 66 20.26 29.83 -3.99
N PRO A 67 21.32 30.42 -4.55
CA PRO A 67 22.53 29.61 -4.84
C PRO A 67 23.13 29.06 -3.56
N ALA A 68 23.13 27.73 -3.45
CA ALA A 68 23.54 27.05 -2.23
C ALA A 68 24.81 26.25 -2.47
N SER A 69 25.71 26.28 -1.49
CA SER A 69 26.95 25.53 -1.59
C SER A 69 26.68 24.04 -1.36
N VAL A 70 27.27 23.21 -2.22
CA VAL A 70 27.10 21.76 -2.09
C VAL A 70 28.05 21.18 -1.04
N LYS A 71 29.25 21.73 -0.92
CA LYS A 71 30.27 21.19 -0.04
C LYS A 71 30.73 22.25 0.95
N ASP A 72 31.25 21.77 2.09
CA ASP A 72 31.86 22.65 3.08
C ASP A 72 33.22 23.10 2.58
N GLY A 73 33.45 24.41 2.57
CA GLY A 73 34.71 24.95 2.10
C GLY A 73 34.66 26.45 1.85
N TYR A 74 35.06 26.87 0.66
CA TYR A 74 35.16 28.29 0.37
C TYR A 74 34.61 28.59 -1.02
N ALA A 75 33.84 29.66 -1.13
CA ALA A 75 33.38 30.13 -2.44
C ALA A 75 34.48 30.97 -3.08
N VAL A 76 34.86 30.61 -4.30
CA VAL A 76 36.01 31.20 -4.97
C VAL A 76 35.60 31.70 -6.34
N VAL A 77 36.54 32.38 -6.99
CA VAL A 77 36.43 32.74 -8.40
C VAL A 77 37.23 31.71 -9.18
N ALA A 78 36.58 31.07 -10.17
CA ALA A 78 37.25 30.03 -10.94
C ALA A 78 38.51 30.54 -11.62
N SER A 79 38.54 31.84 -11.95
CA SER A 79 39.67 32.38 -12.71
C SER A 79 40.92 32.50 -11.84
N ASP A 80 40.76 32.81 -10.56
CA ASP A 80 41.91 33.11 -9.71
C ASP A 80 42.85 31.92 -9.57
N GLY A 81 42.32 30.70 -9.62
CA GLY A 81 43.12 29.51 -9.53
C GLY A 81 43.69 29.28 -8.14
N PRO A 82 44.66 28.38 -8.03
CA PRO A 82 45.24 28.09 -6.71
C PRO A 82 46.17 29.20 -6.24
N GLY A 83 46.42 29.19 -4.94
CA GLY A 83 47.23 30.19 -4.29
C GLY A 83 46.68 30.50 -2.91
N GLU A 84 47.15 31.59 -2.33
CA GLU A 84 46.69 32.05 -1.03
C GLU A 84 45.77 33.26 -1.21
N TYR A 85 44.69 33.28 -0.45
CA TYR A 85 43.66 34.30 -0.56
C TYR A 85 43.12 34.65 0.81
N PRO A 86 42.67 35.89 1.00
CA PRO A 86 42.00 36.26 2.25
C PRO A 86 40.53 35.85 2.24
N VAL A 87 39.99 35.67 3.44
CA VAL A 87 38.59 35.32 3.61
C VAL A 87 37.83 36.61 3.92
N ILE A 88 37.13 37.13 2.90
CA ILE A 88 36.41 38.39 3.00
C ILE A 88 35.35 38.27 4.09
N THR A 89 34.25 37.63 3.76
CA THR A 89 33.16 37.39 4.70
C THR A 89 32.96 35.89 4.87
N GLU A 90 32.03 35.54 5.74
CA GLU A 90 31.61 34.17 5.98
C GLU A 90 30.12 34.06 5.69
N SER A 91 29.70 32.92 5.11
CA SER A 91 28.33 32.72 4.65
C SER A 91 27.87 31.30 4.99
N ARG A 92 27.64 31.06 6.28
CA ARG A 92 27.10 29.79 6.70
C ARG A 92 25.62 29.71 6.38
N ALA A 93 25.11 28.49 6.27
CA ALA A 93 23.68 28.26 6.08
C ALA A 93 22.88 28.97 7.15
N GLY A 94 22.11 29.99 6.73
CA GLY A 94 21.35 30.79 7.68
C GLY A 94 21.11 32.23 7.24
N ASN A 95 22.18 32.97 6.96
CA ASN A 95 22.05 34.38 6.64
C ASN A 95 21.77 34.57 5.14
N ASP A 96 21.47 35.80 4.78
CA ASP A 96 21.16 36.15 3.38
C ASP A 96 22.42 36.10 2.50
N VAL A 100 27.57 41.88 0.91
CA VAL A 100 28.98 41.66 0.60
C VAL A 100 29.12 40.79 -0.64
N THR A 101 30.04 41.17 -1.51
CA THR A 101 30.39 40.41 -2.70
C THR A 101 31.84 39.99 -2.61
N VAL A 102 32.23 39.04 -3.46
CA VAL A 102 33.62 38.62 -3.60
C VAL A 102 34.13 39.09 -4.95
N THR A 103 35.37 39.59 -4.95
CA THR A 103 36.07 40.07 -6.12
C THR A 103 37.19 39.11 -6.49
N PRO A 104 37.65 39.13 -7.74
CA PRO A 104 38.81 38.30 -8.10
C PRO A 104 40.01 38.60 -7.23
N GLY A 105 40.38 37.64 -6.38
CA GLY A 105 41.43 37.84 -5.39
C GLY A 105 40.99 37.59 -3.97
N THR A 106 39.70 37.45 -3.71
CA THR A 106 39.19 37.19 -2.37
C THR A 106 38.24 35.99 -2.41
N VAL A 107 38.17 35.28 -1.29
CA VAL A 107 37.32 34.11 -1.16
C VAL A 107 36.43 34.31 0.06
N ALA A 108 35.33 33.56 0.08
CA ALA A 108 34.36 33.61 1.18
C ALA A 108 34.16 32.21 1.74
N TYR A 109 34.14 32.11 3.07
CA TYR A 109 33.94 30.82 3.71
C TYR A 109 32.46 30.46 3.75
N VAL A 110 32.13 29.25 3.28
CA VAL A 110 30.76 28.78 3.23
C VAL A 110 30.70 27.34 3.72
N THR A 111 29.56 26.97 4.29
CA THR A 111 29.25 25.59 4.65
C THR A 111 28.16 25.07 3.72
N THR A 112 27.90 23.78 3.82
CA THR A 112 26.86 23.18 2.98
C THR A 112 25.51 23.80 3.32
N GLY A 113 24.75 24.16 2.28
CA GLY A 113 23.49 24.86 2.44
C GLY A 113 23.60 26.37 2.48
N GLY A 114 24.81 26.92 2.54
CA GLY A 114 24.98 28.34 2.68
C GLY A 114 24.80 29.11 1.39
N PRO A 115 24.27 30.32 1.49
CA PRO A 115 24.08 31.15 0.29
C PRO A 115 25.42 31.62 -0.26
N ILE A 116 25.54 31.58 -1.57
CA ILE A 116 26.79 31.96 -2.25
C ILE A 116 26.77 33.46 -2.51
N PRO A 117 27.79 34.19 -2.08
CA PRO A 117 27.80 35.65 -2.28
C PRO A 117 27.98 36.00 -3.74
N ASP A 118 27.74 37.28 -4.04
CA ASP A 118 27.95 37.77 -5.40
C ASP A 118 29.43 37.76 -5.76
N GLY A 119 29.73 37.30 -6.96
CA GLY A 119 31.08 37.28 -7.49
C GLY A 119 31.74 35.92 -7.49
N ALA A 120 31.16 34.93 -6.81
CA ALA A 120 31.75 33.61 -6.73
C ALA A 120 31.33 32.77 -7.93
N ASP A 121 32.28 32.02 -8.48
CA ASP A 121 32.02 31.15 -9.62
C ASP A 121 31.93 29.67 -9.24
N ALA A 122 32.64 29.26 -8.19
CA ALA A 122 32.68 27.86 -7.79
C ALA A 122 32.95 27.79 -6.30
N VAL A 123 32.93 26.56 -5.78
CA VAL A 123 33.19 26.28 -4.37
C VAL A 123 34.21 25.16 -4.30
N VAL A 124 35.32 25.39 -3.63
CA VAL A 124 36.30 24.34 -3.39
C VAL A 124 35.98 23.68 -2.05
N GLN A 125 36.26 22.38 -1.96
CA GLN A 125 36.07 21.64 -0.72
C GLN A 125 36.97 22.20 0.37
N VAL A 126 36.78 21.70 1.60
CA VAL A 126 37.60 22.16 2.70
C VAL A 126 38.86 21.31 2.89
N GLU A 127 38.78 20.02 2.57
CA GLU A 127 39.98 19.19 2.58
C GLU A 127 40.87 19.44 1.37
N ASP A 128 40.45 20.30 0.45
CA ASP A 128 41.30 20.81 -0.63
C ASP A 128 41.85 22.19 -0.32
N THR A 129 41.83 22.60 0.94
CA THR A 129 42.35 23.90 1.37
C THR A 129 43.28 23.70 2.56
N LYS A 130 44.04 24.75 2.86
CA LYS A 130 44.94 24.80 4.01
C LYS A 130 44.51 25.91 4.95
N VAL A 131 44.92 25.79 6.21
CA VAL A 131 44.51 26.71 7.26
C VAL A 131 45.11 28.09 7.03
N ILE A 132 46.38 28.27 7.40
CA ILE A 132 47.10 29.53 7.22
C ILE A 132 46.41 30.69 7.94
N THR A 137 47.32 35.93 13.75
CA THR A 137 46.08 35.63 14.45
C THR A 137 45.05 36.75 14.27
N GLU A 138 45.41 37.75 13.47
CA GLU A 138 44.49 38.85 13.17
C GLU A 138 43.43 38.39 12.18
N SER A 139 43.36 39.02 11.02
CA SER A 139 42.48 38.55 9.97
C SER A 139 43.06 37.28 9.35
N LYS A 140 42.16 36.36 8.97
CA LYS A 140 42.56 35.04 8.52
C LYS A 140 42.76 35.01 7.01
N ARG A 141 43.70 34.17 6.57
CA ARG A 141 43.94 33.88 5.17
C ARG A 141 43.89 32.37 4.98
N VAL A 142 43.47 31.93 3.79
CA VAL A 142 43.32 30.52 3.48
C VAL A 142 43.93 30.26 2.11
N LYS A 143 44.64 29.15 1.97
CA LYS A 143 45.30 28.78 0.72
C LYS A 143 44.46 27.74 0.00
N ILE A 144 44.26 27.95 -1.29
CA ILE A 144 43.49 27.05 -2.14
C ILE A 144 44.46 26.17 -2.91
N LEU A 145 44.37 24.86 -2.69
CA LEU A 145 45.34 23.92 -3.26
C LEU A 145 45.04 23.53 -4.70
N ILE A 146 43.79 23.66 -5.15
CA ILE A 146 43.40 23.18 -6.46
C ILE A 146 42.77 24.32 -7.26
N GLN A 147 42.54 24.05 -8.55
CA GLN A 147 41.84 24.95 -9.45
C GLN A 147 40.51 24.31 -9.83
N THR A 148 39.43 25.09 -9.80
CA THR A 148 38.09 24.58 -10.03
C THR A 148 37.50 25.20 -11.28
N LYS A 149 36.76 24.38 -12.03
CA LYS A 149 35.99 24.88 -13.16
C LYS A 149 34.76 25.63 -12.66
N LYS A 150 34.26 26.54 -13.49
CA LYS A 150 33.14 27.37 -13.09
C LYS A 150 31.91 26.52 -12.81
N GLY A 151 31.19 26.85 -11.72
CA GLY A 151 30.00 26.13 -11.34
C GLY A 151 30.24 24.86 -10.55
N THR A 152 31.45 24.65 -10.04
CA THR A 152 31.77 23.45 -9.30
C THR A 152 31.17 23.50 -7.90
N ASP A 153 30.45 22.43 -7.52
CA ASP A 153 29.89 22.27 -6.18
C ASP A 153 28.96 23.43 -5.82
N ILE A 154 28.04 23.73 -6.74
CA ILE A 154 27.09 24.82 -6.54
C ILE A 154 25.75 24.41 -7.13
N ARG A 155 24.71 24.47 -6.31
CA ARG A 155 23.34 24.27 -6.77
C ARG A 155 22.78 25.62 -7.21
N ARG A 156 22.53 25.77 -8.51
CA ARG A 156 21.89 26.97 -8.99
C ARG A 156 20.44 27.03 -8.51
N VAL A 157 19.86 28.22 -8.55
CA VAL A 157 18.47 28.41 -8.13
C VAL A 157 17.57 27.48 -8.92
N GLY A 158 16.84 26.63 -8.21
CA GLY A 158 15.99 25.64 -8.87
C GLY A 158 16.73 24.45 -9.42
N CYS A 159 17.92 24.16 -8.91
CA CYS A 159 18.73 23.06 -9.43
C CYS A 159 17.98 21.74 -9.36
N ASP A 160 17.37 21.45 -8.22
CA ASP A 160 16.65 20.20 -7.99
C ASP A 160 15.17 20.28 -8.29
N ILE A 161 14.51 21.37 -7.91
CA ILE A 161 13.09 21.59 -8.19
C ILE A 161 12.92 23.00 -8.73
N GLU A 162 12.39 23.11 -9.94
CA GLU A 162 12.12 24.41 -10.54
C GLU A 162 10.78 24.96 -10.05
N LYS A 163 10.61 26.27 -10.19
CA LYS A 163 9.42 26.94 -9.68
C LYS A 163 8.18 26.55 -10.49
N ASP A 164 7.06 26.38 -9.80
CA ASP A 164 5.76 26.06 -10.39
C ASP A 164 5.78 24.74 -11.14
N ALA A 165 6.77 23.89 -10.90
CA ALA A 165 6.81 22.59 -11.55
C ALA A 165 5.98 21.58 -10.77
N THR A 166 5.43 20.61 -11.48
CA THR A 166 4.67 19.54 -10.85
C THR A 166 5.63 18.55 -10.22
N VAL A 167 5.62 18.47 -8.89
CA VAL A 167 6.46 17.53 -8.17
C VAL A 167 5.71 16.27 -7.77
N LEU A 168 4.39 16.33 -7.62
CA LEU A 168 3.55 15.16 -7.36
C LEU A 168 2.29 15.31 -8.20
N THR A 169 1.90 14.23 -8.89
CA THR A 169 0.78 14.27 -9.81
C THR A 169 -0.35 13.40 -9.31
N THR A 170 -1.55 13.67 -9.83
CA THR A 170 -2.74 12.94 -9.44
C THR A 170 -2.60 11.46 -9.79
N GLY A 171 -3.01 10.60 -8.85
CA GLY A 171 -2.88 9.17 -9.00
C GLY A 171 -1.68 8.57 -8.28
N GLU A 172 -0.80 9.40 -7.74
CA GLU A 172 0.39 8.89 -7.06
C GLU A 172 0.08 8.53 -5.63
N ARG A 173 0.66 7.43 -5.17
CA ARG A 173 0.51 6.95 -3.80
C ARG A 173 1.55 7.63 -2.92
N ILE A 174 1.11 8.19 -1.80
CA ILE A 174 1.97 9.01 -0.96
C ILE A 174 2.79 8.10 -0.06
N GLY A 175 4.08 8.00 -0.34
CA GLY A 175 5.01 7.32 0.51
C GLY A 175 5.77 8.29 1.40
N ALA A 176 6.90 7.81 1.94
CA ALA A 176 7.70 8.68 2.81
C ALA A 176 8.35 9.80 2.02
N SER A 177 8.87 9.49 0.82
CA SER A 177 9.52 10.51 0.02
C SER A 177 8.51 11.53 -0.52
N GLU A 178 7.31 11.07 -0.88
CA GLU A 178 6.27 12.01 -1.32
C GLU A 178 5.82 12.92 -0.18
N ILE A 179 5.90 12.43 1.06
CA ILE A 179 5.70 13.31 2.21
C ILE A 179 6.80 14.37 2.23
N GLY A 180 8.04 13.95 2.01
CA GLY A 180 9.15 14.90 2.00
C GLY A 180 9.01 15.94 0.90
N LEU A 181 8.43 15.54 -0.24
CA LEU A 181 8.19 16.49 -1.31
C LEU A 181 7.03 17.43 -0.97
N LEU A 182 5.98 16.92 -0.34
CA LEU A 182 4.91 17.79 0.11
C LEU A 182 5.43 18.82 1.11
N ALA A 183 6.30 18.40 2.02
CA ALA A 183 6.86 19.33 2.99
C ALA A 183 7.74 20.36 2.32
N THR A 184 8.55 19.94 1.35
CA THR A 184 9.37 20.87 0.59
C THR A 184 8.53 21.98 -0.04
N ALA A 185 7.38 21.61 -0.61
CA ALA A 185 6.51 22.57 -1.28
C ALA A 185 5.61 23.34 -0.32
N GLY A 186 5.60 22.99 0.97
CA GLY A 186 4.78 23.66 1.94
C GLY A 186 3.36 23.17 2.05
N VAL A 187 3.03 22.05 1.42
CA VAL A 187 1.68 21.50 1.45
C VAL A 187 1.53 20.65 2.70
N THR A 188 0.78 21.16 3.67
CA THR A 188 0.44 20.42 4.87
C THR A 188 -1.02 20.02 4.92
N MET A 189 -1.83 20.46 3.95
CA MET A 189 -3.20 20.01 3.78
C MET A 189 -3.35 19.52 2.35
N VAL A 190 -3.62 18.22 2.18
CA VAL A 190 -3.52 17.57 0.88
C VAL A 190 -4.88 17.02 0.49
N LYS A 191 -5.19 17.09 -0.80
CA LYS A 191 -6.42 16.52 -1.35
C LYS A 191 -6.13 15.10 -1.81
N VAL A 192 -6.79 14.13 -1.17
CA VAL A 192 -6.52 12.72 -1.42
C VAL A 192 -7.83 11.94 -1.51
N TYR A 193 -7.74 10.73 -2.03
CA TYR A 193 -8.87 9.81 -1.96
C TYR A 193 -8.83 9.05 -0.64
N PRO A 194 -9.92 8.99 0.10
CA PRO A 194 -9.89 8.38 1.43
C PRO A 194 -9.97 6.86 1.35
N MET A 195 -9.82 6.25 2.50
CA MET A 195 -9.98 4.82 2.58
C MET A 195 -11.44 4.46 2.85
N PRO A 196 -11.90 3.32 2.34
CA PRO A 196 -13.28 2.90 2.62
C PRO A 196 -13.45 2.51 4.08
N ILE A 197 -14.63 2.84 4.62
CA ILE A 197 -15.02 2.34 5.92
C ILE A 197 -15.61 0.94 5.74
N VAL A 198 -15.20 0.02 6.60
CA VAL A 198 -15.55 -1.39 6.46
C VAL A 198 -16.23 -1.88 7.73
N ALA A 199 -17.45 -2.39 7.58
CA ALA A 199 -18.16 -3.07 8.66
C ALA A 199 -17.96 -4.58 8.54
N ILE A 200 -17.75 -5.24 9.67
CA ILE A 200 -17.44 -6.66 9.71
C ILE A 200 -18.34 -7.33 10.75
N LEU A 201 -18.90 -8.49 10.39
CA LEU A 201 -19.75 -9.23 11.31
C LEU A 201 -19.64 -10.72 11.02
N SER A 202 -19.95 -11.52 12.04
CA SER A 202 -20.04 -12.97 11.91
C SER A 202 -21.47 -13.41 12.19
N THR A 203 -21.91 -14.46 11.49
CA THR A 203 -23.17 -15.12 11.78
C THR A 203 -22.93 -16.59 12.06
N GLY A 204 -23.44 -17.06 13.19
CA GLY A 204 -23.31 -18.45 13.59
C GLY A 204 -23.90 -18.67 14.96
N ASP A 205 -24.78 -19.66 15.08
CA ASP A 205 -25.32 -20.00 16.40
C ASP A 205 -24.33 -20.80 17.24
N GLU A 206 -23.18 -21.16 16.68
CA GLU A 206 -22.15 -21.87 17.42
C GLU A 206 -20.97 -20.96 17.79
N LEU A 207 -21.04 -19.68 17.47
CA LEU A 207 -19.93 -18.77 17.70
C LEU A 207 -20.03 -18.14 19.08
N VAL A 208 -18.90 -18.13 19.79
CA VAL A 208 -18.76 -17.40 21.04
C VAL A 208 -17.58 -16.44 20.89
N GLU A 209 -17.47 -15.50 21.83
CA GLU A 209 -16.38 -14.54 21.77
C GLU A 209 -15.05 -15.24 22.02
N PRO A 210 -13.96 -14.72 21.44
CA PRO A 210 -12.64 -15.33 21.72
C PRO A 210 -12.21 -15.20 23.17
N THR A 211 -12.86 -14.33 23.96
CA THR A 211 -12.55 -14.23 25.39
C THR A 211 -13.10 -15.41 26.19
N ALA A 212 -13.88 -16.29 25.57
CA ALA A 212 -14.48 -17.41 26.28
C ALA A 212 -13.43 -18.44 26.65
N GLY A 213 -13.46 -18.87 27.92
CA GLY A 213 -12.51 -19.84 28.42
C GLY A 213 -12.87 -21.26 28.01
N THR A 214 -13.52 -22.00 28.92
CA THR A 214 -13.93 -23.37 28.63
C THR A 214 -15.16 -23.37 27.73
N LEU A 215 -15.08 -24.09 26.62
CA LEU A 215 -16.15 -24.11 25.63
C LEU A 215 -17.23 -25.11 26.03
N GLY A 216 -18.48 -24.69 25.83
CA GLY A 216 -19.60 -25.59 26.01
C GLY A 216 -19.82 -26.48 24.80
N ARG A 217 -20.86 -27.31 24.90
CA ARG A 217 -21.16 -28.28 23.86
C ARG A 217 -21.62 -27.59 22.59
N GLY A 218 -20.89 -27.81 21.49
CA GLY A 218 -21.24 -27.22 20.21
C GLY A 218 -20.81 -25.78 20.02
N GLN A 219 -19.88 -25.27 20.82
CA GLN A 219 -19.42 -23.90 20.72
C GLN A 219 -18.00 -23.85 20.19
N ILE A 220 -17.72 -22.87 19.33
CA ILE A 220 -16.37 -22.55 18.91
C ILE A 220 -16.16 -21.05 19.02
N ARG A 221 -14.91 -20.64 19.21
CA ARG A 221 -14.61 -19.23 19.28
C ARG A 221 -14.68 -18.59 17.90
N ASP A 222 -15.00 -17.31 17.87
CA ASP A 222 -15.18 -16.57 16.62
C ASP A 222 -13.82 -16.07 16.15
N SER A 223 -13.27 -16.77 15.16
CA SER A 223 -11.95 -16.43 14.65
C SER A 223 -11.98 -15.62 13.35
N ASN A 224 -13.09 -15.64 12.61
CA ASN A 224 -13.14 -14.90 11.35
C ASN A 224 -13.19 -13.40 11.59
N ARG A 225 -13.91 -12.98 12.62
CA ARG A 225 -14.08 -11.55 12.88
C ARG A 225 -12.75 -10.89 13.18
N ALA A 226 -12.05 -11.38 14.20
CA ALA A 226 -10.74 -10.82 14.54
C ALA A 226 -9.77 -10.92 13.37
N MET A 227 -9.88 -11.98 12.57
CA MET A 227 -9.05 -12.10 11.39
C MET A 227 -9.34 -10.99 10.39
N LEU A 228 -10.63 -10.80 10.05
CA LEU A 228 -11.01 -9.77 9.09
C LEU A 228 -10.69 -8.37 9.62
N VAL A 229 -10.91 -8.14 10.93
CA VAL A 229 -10.59 -6.85 11.52
C VAL A 229 -9.12 -6.53 11.29
N ALA A 230 -8.23 -7.46 11.62
CA ALA A 230 -6.81 -7.24 11.39
C ALA A 230 -6.49 -7.15 9.90
N ALA A 231 -7.16 -7.96 9.08
CA ALA A 231 -6.90 -7.91 7.64
C ALA A 231 -7.28 -6.56 7.07
N VAL A 232 -8.36 -5.97 7.57
CA VAL A 232 -8.76 -4.64 7.13
C VAL A 232 -7.85 -3.58 7.75
N MET A 233 -7.41 -3.80 8.99
CA MET A 233 -6.48 -2.86 9.61
C MET A 233 -5.19 -2.74 8.80
N GLN A 234 -4.72 -3.86 8.25
CA GLN A 234 -3.53 -3.81 7.40
C GLN A 234 -3.78 -3.00 6.14
N GLN A 235 -5.04 -2.94 5.68
CA GLN A 235 -5.41 -2.12 4.53
C GLN A 235 -5.66 -0.66 4.91
N GLN A 236 -5.37 -0.29 6.16
CA GLN A 236 -5.48 1.10 6.63
C GLN A 236 -6.90 1.65 6.47
N CYS A 237 -7.89 0.77 6.59
CA CYS A 237 -9.29 1.16 6.55
C CYS A 237 -9.88 1.19 7.95
N LYS A 238 -10.92 2.01 8.11
CA LYS A 238 -11.62 2.11 9.38
C LYS A 238 -12.54 0.90 9.55
N VAL A 239 -12.37 0.19 10.66
CA VAL A 239 -13.16 -0.99 10.96
C VAL A 239 -14.29 -0.59 11.89
N VAL A 240 -15.48 -1.12 11.65
CA VAL A 240 -16.61 -1.00 12.56
C VAL A 240 -17.09 -2.41 12.88
N ASP A 241 -16.92 -2.81 14.14
CA ASP A 241 -17.09 -4.20 14.57
C ASP A 241 -18.54 -4.41 14.97
N LEU A 242 -19.32 -5.02 14.09
CA LEU A 242 -20.73 -5.26 14.38
C LEU A 242 -20.96 -6.52 15.22
N GLY A 243 -19.92 -7.31 15.47
CA GLY A 243 -20.01 -8.42 16.39
C GLY A 243 -20.64 -9.68 15.81
N ILE A 244 -20.89 -10.62 16.71
CA ILE A 244 -21.55 -11.88 16.37
C ILE A 244 -23.05 -11.63 16.23
N VAL A 245 -23.64 -12.24 15.19
CA VAL A 245 -25.07 -12.23 14.97
C VAL A 245 -25.53 -13.67 14.88
N ARG A 246 -26.67 -13.97 15.49
CA ARG A 246 -27.19 -15.34 15.45
C ARG A 246 -27.80 -15.64 14.09
N ASP A 247 -28.16 -16.91 13.90
CA ASP A 247 -28.79 -17.35 12.65
C ASP A 247 -30.28 -17.10 12.74
N ASP A 248 -30.66 -15.84 12.55
CA ASP A 248 -32.08 -15.51 12.48
C ASP A 248 -32.25 -14.26 11.62
N ARG A 249 -33.35 -14.22 10.86
CA ARG A 249 -33.53 -13.19 9.85
C ARG A 249 -33.73 -11.81 10.46
N LYS A 250 -34.38 -11.75 11.62
CA LYS A 250 -34.72 -10.45 12.20
C LYS A 250 -33.48 -9.71 12.68
N GLU A 251 -32.65 -10.35 13.52
CA GLU A 251 -31.47 -9.69 14.03
C GLU A 251 -30.44 -9.47 12.93
N LEU A 252 -30.32 -10.43 12.01
CA LEU A 252 -29.41 -10.25 10.89
C LEU A 252 -29.85 -9.09 10.00
N GLU A 253 -31.15 -8.82 9.91
CA GLU A 253 -31.61 -7.65 9.17
C GLU A 253 -31.33 -6.37 9.94
N LYS A 254 -31.55 -6.39 11.26
CA LYS A 254 -31.31 -5.20 12.08
C LYS A 254 -29.85 -4.77 11.98
N VAL A 255 -28.93 -5.74 11.99
CA VAL A 255 -27.51 -5.42 11.88
C VAL A 255 -27.19 -4.85 10.51
N LEU A 256 -27.77 -5.42 9.46
CA LEU A 256 -27.54 -4.89 8.12
C LEU A 256 -28.08 -3.47 7.98
N ASP A 257 -29.31 -3.23 8.47
CA ASP A 257 -29.87 -1.88 8.40
C ASP A 257 -29.08 -0.90 9.25
N GLU A 258 -28.53 -1.36 10.38
CA GLU A 258 -27.60 -0.53 11.14
C GLU A 258 -26.37 -0.19 10.32
N ALA A 259 -25.84 -1.17 9.58
CA ALA A 259 -24.58 -1.00 8.88
C ALA A 259 -24.68 0.08 7.81
N VAL A 260 -25.58 -0.10 6.84
CA VAL A 260 -25.63 0.80 5.69
C VAL A 260 -26.02 2.20 6.12
N SER A 261 -26.80 2.32 7.20
CA SER A 261 -27.21 3.64 7.66
C SER A 261 -26.15 4.35 8.48
N SER A 262 -25.08 3.65 8.88
CA SER A 262 -24.04 4.26 9.70
C SER A 262 -23.01 5.03 8.90
N GLY A 263 -23.04 4.95 7.57
CA GLY A 263 -22.06 5.61 6.73
C GLY A 263 -20.99 4.71 6.17
N VAL A 264 -21.11 3.40 6.32
CA VAL A 264 -20.07 2.49 5.88
C VAL A 264 -20.07 2.38 4.35
N ASP A 265 -18.92 2.01 3.79
CA ASP A 265 -18.78 1.85 2.35
C ASP A 265 -18.76 0.38 1.92
N ILE A 266 -18.29 -0.50 2.79
CA ILE A 266 -18.19 -1.94 2.50
C ILE A 266 -18.66 -2.70 3.74
N ILE A 267 -19.53 -3.69 3.53
CA ILE A 267 -19.97 -4.60 4.58
C ILE A 267 -19.35 -5.96 4.32
N LEU A 268 -18.69 -6.50 5.35
CA LEU A 268 -18.03 -7.80 5.29
C LEU A 268 -18.79 -8.75 6.21
N THR A 269 -19.44 -9.74 5.63
CA THR A 269 -20.19 -10.76 6.36
C THR A 269 -19.43 -12.07 6.32
N SER A 270 -19.35 -12.76 7.46
CA SER A 270 -18.72 -14.07 7.56
C SER A 270 -19.75 -15.09 7.99
N GLY A 271 -19.95 -16.12 7.17
CA GLY A 271 -20.86 -17.19 7.49
C GLY A 271 -22.31 -16.90 7.12
N GLY A 272 -23.13 -17.93 7.22
CA GLY A 272 -24.53 -17.81 6.89
C GLY A 272 -24.81 -17.66 5.41
N VAL A 273 -23.90 -18.14 4.55
CA VAL A 273 -24.06 -17.99 3.11
C VAL A 273 -23.87 -19.33 2.41
N SER A 274 -24.32 -20.41 3.03
CA SER A 274 -24.16 -21.72 2.44
C SER A 274 -25.51 -22.33 2.06
N MET A 275 -25.62 -23.66 2.19
CA MET A 275 -26.81 -24.40 1.78
C MET A 275 -27.73 -24.75 2.94
N GLY A 276 -27.36 -24.40 4.17
CA GLY A 276 -28.21 -24.67 5.31
C GLY A 276 -29.53 -23.92 5.26
N ASP A 277 -30.44 -24.30 6.13
CA ASP A 277 -31.77 -23.72 6.16
C ASP A 277 -31.90 -22.59 7.17
N ARG A 278 -30.79 -22.13 7.75
CA ARG A 278 -30.76 -20.94 8.58
C ARG A 278 -29.78 -19.90 8.07
N ASP A 279 -29.39 -20.02 6.80
CA ASP A 279 -28.43 -19.09 6.18
C ASP A 279 -29.22 -17.97 5.52
N PHE A 280 -29.34 -16.84 6.20
CA PHE A 280 -30.18 -15.72 5.77
C PHE A 280 -29.39 -14.58 5.11
N VAL A 281 -28.10 -14.77 4.83
CA VAL A 281 -27.32 -13.69 4.24
C VAL A 281 -27.72 -13.45 2.79
N LYS A 282 -27.77 -14.53 2.00
CA LYS A 282 -28.21 -14.40 0.61
C LYS A 282 -29.64 -13.88 0.48
N PRO A 283 -30.63 -14.39 1.21
CA PRO A 283 -31.99 -13.84 1.05
C PRO A 283 -32.10 -12.38 1.47
N LEU A 284 -31.36 -11.96 2.49
CA LEU A 284 -31.45 -10.58 2.97
C LEU A 284 -30.67 -9.61 2.07
N LEU A 285 -29.58 -10.07 1.45
CA LEU A 285 -28.85 -9.22 0.52
C LEU A 285 -29.67 -8.96 -0.74
N GLU A 286 -30.25 -10.00 -1.33
CA GLU A 286 -31.05 -9.83 -2.53
C GLU A 286 -32.35 -9.09 -2.27
N GLU A 287 -32.79 -9.04 -1.01
CA GLU A 287 -33.99 -8.31 -0.65
C GLU A 287 -33.72 -6.82 -0.51
N LYS A 288 -32.56 -6.45 0.04
CA LYS A 288 -32.23 -5.05 0.29
C LYS A 288 -31.48 -4.39 -0.86
N GLY A 289 -30.89 -5.18 -1.75
CA GLY A 289 -30.13 -4.65 -2.87
C GLY A 289 -30.20 -5.59 -4.05
N LYS A 290 -29.16 -5.58 -4.86
CA LYS A 290 -29.07 -6.41 -6.06
C LYS A 290 -27.85 -7.31 -5.93
N VAL A 291 -28.08 -8.61 -5.82
CA VAL A 291 -27.00 -9.58 -5.80
C VAL A 291 -26.49 -9.79 -7.22
N TYR A 292 -25.17 -9.92 -7.37
CA TYR A 292 -24.55 -10.14 -8.67
C TYR A 292 -24.05 -11.56 -8.87
N PHE A 293 -23.72 -12.27 -7.80
CA PHE A 293 -23.42 -13.70 -7.85
C PHE A 293 -23.43 -14.25 -6.44
N SER A 294 -23.64 -15.56 -6.33
CA SER A 294 -23.65 -16.25 -5.05
C SER A 294 -22.82 -17.51 -5.01
N LYS A 295 -22.38 -18.02 -6.16
CA LYS A 295 -21.52 -19.20 -6.21
C LYS A 295 -20.41 -18.93 -7.22
N VAL A 296 -19.17 -19.22 -6.82
CA VAL A 296 -17.99 -18.94 -7.63
C VAL A 296 -17.19 -20.21 -7.80
N LEU A 297 -16.71 -20.43 -9.03
CA LEU A 297 -15.87 -21.58 -9.38
C LEU A 297 -14.49 -21.40 -8.74
N MET A 298 -14.42 -21.75 -7.46
CA MET A 298 -13.25 -21.43 -6.64
C MET A 298 -12.91 -22.62 -5.74
N LYS A 299 -11.65 -22.63 -5.29
CA LYS A 299 -11.17 -23.64 -4.34
C LYS A 299 -10.09 -23.02 -3.47
N PRO A 300 -10.42 -22.68 -2.22
CA PRO A 300 -11.73 -22.88 -1.59
C PRO A 300 -12.64 -21.67 -1.75
N GLY A 301 -13.88 -21.80 -1.30
CA GLY A 301 -14.80 -20.67 -1.33
C GLY A 301 -15.85 -20.72 -2.41
N LYS A 302 -16.43 -21.90 -2.63
CA LYS A 302 -17.55 -22.01 -3.57
C LYS A 302 -18.64 -20.98 -3.30
N PRO A 303 -19.10 -20.76 -2.07
CA PRO A 303 -20.06 -19.66 -1.85
C PRO A 303 -19.33 -18.32 -1.72
N LEU A 304 -19.81 -17.31 -2.42
CA LEU A 304 -19.26 -15.97 -2.30
C LEU A 304 -20.32 -15.02 -2.88
N THR A 305 -21.06 -14.36 -2.00
CA THR A 305 -22.15 -13.47 -2.40
C THR A 305 -21.63 -12.04 -2.44
N PHE A 306 -21.91 -11.35 -3.53
CA PHE A 306 -21.55 -9.94 -3.69
C PHE A 306 -22.81 -9.18 -4.09
N ALA A 307 -23.26 -8.29 -3.22
CA ALA A 307 -24.46 -7.51 -3.46
C ALA A 307 -24.14 -6.02 -3.47
N GLU A 308 -25.00 -5.26 -4.13
CA GLU A 308 -24.95 -3.82 -4.14
C GLU A 308 -26.18 -3.30 -3.41
N ILE A 309 -25.95 -2.58 -2.31
CA ILE A 309 -27.02 -2.00 -1.52
C ILE A 309 -26.94 -0.49 -1.64
N ARG A 310 -28.09 0.17 -1.52
CA ARG A 310 -28.19 1.61 -1.63
C ARG A 310 -28.68 2.17 -0.30
N ALA A 311 -27.91 3.09 0.28
CA ALA A 311 -28.36 3.81 1.45
C ALA A 311 -29.46 4.79 1.07
N LYS A 312 -30.41 4.98 1.98
CA LYS A 312 -31.58 5.83 1.73
C LYS A 312 -31.62 6.95 2.78
N PRO A 313 -30.80 7.99 2.62
CA PRO A 313 -30.86 9.16 3.50
C PRO A 313 -31.79 10.24 2.96
N LEU A 318 -27.25 12.05 2.74
CA LEU A 318 -26.72 12.06 1.38
C LEU A 318 -26.63 10.65 0.83
N GLY A 319 -27.42 10.35 -0.21
CA GLY A 319 -27.48 9.03 -0.79
C GLY A 319 -26.14 8.48 -1.23
N LYS A 320 -25.90 7.20 -0.99
CA LYS A 320 -24.64 6.56 -1.32
C LYS A 320 -24.87 5.08 -1.52
N THR A 321 -23.96 4.46 -2.27
CA THR A 321 -24.06 3.05 -2.63
C THR A 321 -23.09 2.23 -1.80
N VAL A 322 -23.57 1.13 -1.23
CA VAL A 322 -22.79 0.29 -0.33
C VAL A 322 -22.55 -1.05 -1.00
N LEU A 323 -21.33 -1.56 -0.89
CA LEU A 323 -20.97 -2.86 -1.44
C LEU A 323 -20.91 -3.88 -0.32
N ALA A 324 -21.47 -5.06 -0.56
CA ALA A 324 -21.57 -6.09 0.47
C ALA A 324 -20.94 -7.38 -0.02
N PHE A 325 -20.02 -7.93 0.77
CA PHE A 325 -19.37 -9.21 0.50
C PHE A 325 -19.84 -10.23 1.54
N GLY A 326 -20.63 -11.21 1.10
CA GLY A 326 -20.99 -12.31 1.95
C GLY A 326 -19.93 -13.40 1.94
N LEU A 327 -18.86 -13.19 2.70
CA LEU A 327 -17.76 -14.14 2.69
C LEU A 327 -18.18 -15.47 3.31
N PRO A 328 -17.64 -16.57 2.81
CA PRO A 328 -17.95 -17.88 3.39
C PRO A 328 -17.44 -18.00 4.82
N GLY A 329 -18.06 -18.92 5.56
CA GLY A 329 -17.79 -19.04 6.98
C GLY A 329 -16.54 -19.82 7.34
N ASN A 330 -16.02 -20.61 6.41
CA ASN A 330 -14.83 -21.39 6.72
C ASN A 330 -13.62 -20.47 6.84
N PRO A 331 -12.77 -20.69 7.85
CA PRO A 331 -11.71 -19.70 8.15
C PRO A 331 -10.76 -19.44 7.01
N VAL A 332 -10.16 -20.47 6.43
CA VAL A 332 -9.23 -20.25 5.32
C VAL A 332 -9.98 -19.75 4.10
N SER A 333 -11.25 -20.16 3.96
CA SER A 333 -12.06 -19.70 2.85
C SER A 333 -12.39 -18.21 2.97
N CYS A 334 -12.55 -17.73 4.21
CA CYS A 334 -12.89 -16.33 4.43
C CYS A 334 -11.73 -15.42 4.07
N LEU A 335 -10.53 -15.74 4.56
CA LEU A 335 -9.36 -14.90 4.28
C LEU A 335 -9.03 -14.90 2.79
N VAL A 336 -9.15 -16.05 2.13
CA VAL A 336 -8.79 -16.15 0.73
C VAL A 336 -9.69 -15.26 -0.13
N CYS A 337 -11.00 -15.31 0.12
CA CYS A 337 -11.91 -14.43 -0.60
C CYS A 337 -11.65 -12.97 -0.27
N PHE A 338 -11.20 -12.68 0.96
CA PHE A 338 -10.84 -11.31 1.31
C PHE A 338 -9.67 -10.82 0.48
N ASN A 339 -8.62 -11.65 0.37
CA ASN A 339 -7.42 -11.23 -0.34
C ASN A 339 -7.62 -11.10 -1.84
N ILE A 340 -8.61 -11.78 -2.41
CA ILE A 340 -8.76 -11.81 -3.87
C ILE A 340 -9.86 -10.87 -4.33
N PHE A 341 -10.89 -10.67 -3.51
CA PHE A 341 -12.01 -9.87 -3.95
C PHE A 341 -12.22 -8.60 -3.13
N VAL A 342 -11.77 -8.56 -1.88
CA VAL A 342 -11.98 -7.38 -1.05
C VAL A 342 -10.81 -6.40 -1.18
N VAL A 343 -9.58 -6.91 -1.16
CA VAL A 343 -8.41 -6.04 -1.28
C VAL A 343 -8.45 -5.19 -2.54
N PRO A 344 -8.70 -5.74 -3.74
CA PRO A 344 -8.80 -4.87 -4.92
C PRO A 344 -9.96 -3.89 -4.82
N THR A 345 -11.09 -4.34 -4.25
CA THR A 345 -12.24 -3.45 -4.07
C THR A 345 -11.87 -2.28 -3.16
N ILE A 346 -11.06 -2.53 -2.13
CA ILE A 346 -10.58 -1.47 -1.26
C ILE A 346 -9.69 -0.51 -2.01
N ARG A 347 -8.72 -1.04 -2.75
CA ARG A 347 -7.81 -0.19 -3.51
C ARG A 347 -8.53 0.62 -4.57
N GLN A 348 -9.58 0.07 -5.17
CA GLN A 348 -10.30 0.82 -6.20
C GLN A 348 -11.13 1.94 -5.60
N LEU A 349 -11.76 1.70 -4.45
CA LEU A 349 -12.47 2.79 -3.77
C LEU A 349 -11.51 3.88 -3.32
N ALA A 350 -10.26 3.52 -3.04
CA ALA A 350 -9.24 4.45 -2.59
C ALA A 350 -8.50 5.12 -3.75
N GLY A 351 -8.84 4.80 -4.99
CA GLY A 351 -8.29 5.49 -6.13
C GLY A 351 -7.03 4.90 -6.74
N TRP A 352 -6.77 3.61 -6.54
CA TRP A 352 -5.60 2.99 -7.15
C TRP A 352 -5.85 2.77 -8.64
N THR A 353 -4.80 2.96 -9.45
CA THR A 353 -4.91 2.64 -10.87
C THR A 353 -4.64 1.17 -11.13
N SER A 354 -3.83 0.52 -10.29
CA SER A 354 -3.52 -0.90 -10.41
C SER A 354 -3.97 -1.61 -9.13
N PRO A 355 -5.28 -1.76 -8.93
CA PRO A 355 -5.76 -2.40 -7.69
C PRO A 355 -5.47 -3.89 -7.64
N HIS A 356 -5.23 -4.51 -8.79
CA HIS A 356 -4.98 -5.95 -8.82
C HIS A 356 -3.68 -6.27 -8.07
N PRO A 357 -3.60 -7.45 -7.48
CA PRO A 357 -2.41 -7.81 -6.70
C PRO A 357 -1.26 -8.21 -7.60
N LEU A 358 -0.06 -8.16 -7.03
CA LEU A 358 1.14 -8.54 -7.76
C LEU A 358 1.10 -10.03 -8.10
N ARG A 359 1.29 -10.35 -9.38
CA ARG A 359 1.25 -11.73 -9.85
C ARG A 359 2.61 -12.10 -10.41
N VAL A 360 3.15 -13.22 -9.96
CA VAL A 360 4.52 -13.63 -10.24
C VAL A 360 4.54 -15.07 -10.72
N ARG A 361 5.47 -15.37 -11.62
CA ARG A 361 5.70 -16.74 -12.09
C ARG A 361 6.84 -17.38 -11.31
N LEU A 362 6.55 -18.55 -10.72
CA LEU A 362 7.53 -19.26 -9.91
C LEU A 362 7.51 -20.74 -10.26
N ARG A 363 8.56 -21.45 -9.84
CA ARG A 363 8.69 -22.88 -10.01
C ARG A 363 8.42 -23.59 -8.69
N LEU A 364 7.79 -24.75 -8.76
CA LEU A 364 7.39 -25.48 -7.56
C LEU A 364 8.59 -26.16 -6.90
N GLN A 365 8.54 -26.23 -5.57
CA GLN A 365 9.59 -26.85 -4.79
C GLN A 365 9.27 -28.28 -4.37
N GLU A 366 8.04 -28.73 -4.60
CA GLU A 366 7.61 -30.04 -4.14
C GLU A 366 6.43 -30.48 -5.00
N PRO A 367 6.17 -31.78 -5.08
CA PRO A 367 5.01 -32.25 -5.85
C PRO A 367 3.71 -31.85 -5.16
N ILE A 368 2.70 -31.55 -5.99
CA ILE A 368 1.40 -31.10 -5.51
C ILE A 368 0.34 -31.40 -6.55
N LYS A 369 -0.78 -32.00 -6.13
CA LYS A 369 -1.88 -32.33 -7.03
C LYS A 369 -2.94 -31.24 -7.01
N SER A 370 -3.67 -31.13 -8.12
CA SER A 370 -4.70 -30.11 -8.28
C SER A 370 -6.08 -30.74 -8.36
N ASP A 371 -7.09 -29.92 -8.05
CA ASP A 371 -8.48 -30.37 -8.14
C ASP A 371 -8.90 -30.43 -9.61
N PRO A 372 -9.76 -31.39 -9.97
CA PRO A 372 -10.18 -31.52 -11.37
C PRO A 372 -11.38 -30.66 -11.76
N ILE A 373 -12.16 -30.21 -10.77
CA ILE A 373 -13.39 -29.47 -11.04
C ILE A 373 -13.18 -27.97 -11.02
N ARG A 374 -12.61 -27.45 -9.93
CA ARG A 374 -12.44 -26.01 -9.82
C ARG A 374 -10.99 -25.64 -9.57
N PRO A 375 -10.51 -24.53 -10.11
CA PRO A 375 -9.10 -24.14 -9.91
C PRO A 375 -8.84 -23.84 -8.43
N GLU A 376 -7.76 -24.42 -7.91
CA GLU A 376 -7.45 -24.34 -6.48
C GLU A 376 -6.43 -23.25 -6.22
N PHE A 377 -6.78 -22.33 -5.30
CA PHE A 377 -5.86 -21.29 -4.85
C PHE A 377 -5.06 -21.85 -3.67
N HIS A 378 -4.03 -22.61 -4.01
CA HIS A 378 -3.20 -23.28 -3.01
C HIS A 378 -2.23 -22.29 -2.40
N ARG A 379 -2.23 -22.19 -1.08
CA ARG A 379 -1.35 -21.24 -0.39
C ARG A 379 0.04 -21.83 -0.21
N ALA A 380 1.06 -20.99 -0.41
CA ALA A 380 2.44 -21.44 -0.33
C ALA A 380 3.28 -20.39 0.37
N ILE A 381 4.49 -20.79 0.75
CA ILE A 381 5.49 -19.88 1.30
C ILE A 381 6.48 -19.58 0.19
N ILE A 382 6.49 -18.34 -0.29
CA ILE A 382 7.35 -17.94 -1.39
C ILE A 382 8.64 -17.36 -0.83
N LYS A 383 9.76 -17.84 -1.35
CA LYS A 383 11.07 -17.31 -1.00
C LYS A 383 11.83 -17.04 -2.29
N TRP A 384 12.50 -15.88 -2.34
CA TRP A 384 13.36 -15.59 -3.48
C TRP A 384 14.67 -16.35 -3.33
N LYS A 385 15.11 -16.98 -4.41
CA LYS A 385 16.37 -17.71 -4.42
C LYS A 385 17.26 -17.17 -5.53
N ASP A 386 18.56 -17.10 -5.27
CA ASP A 386 19.49 -16.67 -6.31
C ASP A 386 19.73 -17.75 -7.36
N ASN A 387 18.94 -18.83 -7.34
CA ASN A 387 19.15 -19.96 -8.22
C ASN A 387 17.97 -20.94 -8.21
N ASP A 388 16.99 -20.71 -9.09
CA ASP A 388 15.97 -21.71 -9.39
C ASP A 388 15.08 -21.20 -10.53
N GLY A 389 14.08 -22.01 -10.88
CA GLY A 389 13.47 -21.94 -12.18
C GLY A 389 14.24 -22.67 -13.24
N SER A 390 15.52 -22.99 -12.96
CA SER A 390 16.45 -23.69 -13.83
C SER A 390 17.82 -23.63 -13.17
N GLY A 391 18.65 -22.68 -13.61
CA GLY A 391 19.91 -22.38 -12.97
C GLY A 391 20.08 -20.87 -12.82
N THR A 392 18.98 -20.15 -12.95
CA THR A 392 18.91 -18.70 -12.87
C THR A 392 18.25 -18.29 -11.56
N PRO A 393 18.32 -17.01 -11.20
CA PRO A 393 17.61 -16.55 -9.99
C PRO A 393 16.13 -16.33 -10.26
N GLY A 394 15.31 -16.75 -9.29
CA GLY A 394 13.88 -16.60 -9.42
C GLY A 394 13.18 -16.93 -8.12
N PHE A 395 11.87 -17.15 -8.22
CA PHE A 395 11.05 -17.45 -7.06
C PHE A 395 10.82 -18.96 -6.94
N VAL A 396 10.65 -19.42 -5.70
CA VAL A 396 10.24 -20.79 -5.40
C VAL A 396 9.15 -20.73 -4.34
N ALA A 397 8.38 -21.81 -4.25
CA ALA A 397 7.27 -21.85 -3.31
C ALA A 397 7.06 -23.27 -2.82
N GLU A 398 7.07 -23.45 -1.50
CA GLU A 398 6.73 -24.73 -0.89
C GLU A 398 5.31 -24.67 -0.34
N SER A 399 4.64 -25.82 -0.35
CA SER A 399 3.26 -25.89 0.10
C SER A 399 3.18 -25.81 1.62
N THR A 400 2.06 -25.26 2.10
CA THR A 400 1.82 -25.14 3.54
C THR A 400 1.29 -26.42 4.16
N GLY A 401 0.83 -27.39 3.36
CA GLY A 401 0.30 -28.64 3.87
C GLY A 401 -1.12 -28.87 3.38
N HIS A 402 -1.94 -29.47 4.27
CA HIS A 402 -3.34 -29.73 3.94
C HIS A 402 -4.06 -28.42 3.60
N GLN A 403 -4.94 -28.50 2.61
CA GLN A 403 -5.65 -27.33 2.10
C GLN A 403 -7.13 -27.33 2.49
N MET A 404 -7.46 -27.97 3.61
CA MET A 404 -8.85 -28.04 4.05
C MET A 404 -9.40 -26.65 4.30
N SER A 405 -10.64 -26.43 3.87
CA SER A 405 -11.30 -25.14 4.01
C SER A 405 -11.43 -24.70 5.47
N SER A 406 -11.27 -25.61 6.42
CA SER A 406 -11.41 -25.31 7.83
C SER A 406 -10.10 -25.27 8.59
N ARG A 407 -9.00 -25.67 7.97
CA ARG A 407 -7.70 -25.76 8.64
C ARG A 407 -6.96 -24.45 8.46
N LEU A 408 -7.21 -23.51 9.38
CA LEU A 408 -6.56 -22.20 9.32
C LEU A 408 -5.05 -22.28 9.45
N LEU A 409 -4.51 -23.42 9.90
CA LEU A 409 -3.07 -23.60 9.93
C LEU A 409 -2.44 -23.61 8.54
N SER A 410 -3.25 -23.70 7.49
CA SER A 410 -2.73 -23.61 6.13
C SER A 410 -2.43 -22.16 5.74
N MET A 411 -3.14 -21.20 6.31
CA MET A 411 -2.87 -19.80 6.06
C MET A 411 -1.66 -19.29 6.85
N ARG A 412 -1.18 -20.07 7.82
CA ARG A 412 -0.10 -19.61 8.69
C ARG A 412 1.18 -19.38 7.91
N SER A 413 1.71 -18.17 8.00
CA SER A 413 2.94 -17.73 7.31
C SER A 413 2.85 -17.94 5.80
N ALA A 414 1.65 -17.95 5.25
CA ALA A 414 1.45 -18.05 3.81
C ALA A 414 1.47 -16.65 3.21
N ASN A 415 2.37 -16.41 2.27
CA ASN A 415 2.49 -15.12 1.61
C ASN A 415 2.16 -15.18 0.13
N ALA A 416 1.81 -16.34 -0.41
CA ALA A 416 1.52 -16.49 -1.83
C ALA A 416 0.31 -17.39 -2.00
N LEU A 417 -0.31 -17.29 -3.18
CA LEU A 417 -1.52 -18.04 -3.52
C LEU A 417 -1.31 -18.67 -4.88
N LEU A 418 -1.02 -19.97 -4.91
CA LEU A 418 -0.77 -20.67 -6.17
C LEU A 418 -2.06 -20.77 -6.97
N GLU A 419 -2.06 -20.25 -8.20
CA GLU A 419 -3.21 -20.33 -9.08
C GLU A 419 -3.12 -21.63 -9.87
N LEU A 420 -3.75 -22.66 -9.36
CA LEU A 420 -3.63 -23.94 -10.04
C LEU A 420 -4.78 -24.17 -11.00
N PRO A 421 -4.51 -24.65 -12.20
CA PRO A 421 -5.59 -24.97 -13.14
C PRO A 421 -6.34 -26.22 -12.70
N ALA A 422 -7.52 -26.40 -13.30
CA ALA A 422 -8.38 -27.54 -12.98
C ALA A 422 -8.04 -28.76 -13.82
N THR A 423 -6.75 -29.12 -13.85
CA THR A 423 -6.32 -30.24 -14.66
C THR A 423 -6.47 -31.57 -13.94
N GLY A 424 -6.38 -31.56 -12.61
CA GLY A 424 -6.41 -32.78 -11.84
C GLY A 424 -5.13 -33.59 -11.88
N ASN A 425 -4.09 -33.11 -12.55
CA ASN A 425 -2.83 -33.82 -12.66
C ASN A 425 -1.96 -33.54 -11.44
N VAL A 426 -0.72 -34.01 -11.46
CA VAL A 426 0.26 -33.77 -10.41
C VAL A 426 1.43 -33.01 -11.02
N LEU A 427 1.64 -31.79 -10.54
CA LEU A 427 2.71 -30.92 -11.05
C LEU A 427 4.01 -31.26 -10.34
N SER A 428 5.04 -31.57 -11.13
CA SER A 428 6.31 -32.02 -10.59
C SER A 428 6.99 -30.91 -9.78
N ALA A 429 8.02 -31.30 -9.04
CA ALA A 429 8.77 -30.37 -8.19
C ALA A 429 9.78 -29.58 -9.02
N GLY A 430 9.24 -28.78 -9.95
CA GLY A 430 10.06 -27.98 -10.84
C GLY A 430 9.25 -27.27 -11.90
N SER A 431 7.99 -27.66 -12.06
CA SER A 431 7.13 -27.00 -13.03
C SER A 431 6.79 -25.59 -12.56
N SER A 432 6.56 -24.71 -13.54
CA SER A 432 6.28 -23.30 -13.27
C SER A 432 4.77 -23.05 -13.29
N VAL A 433 4.30 -22.28 -12.30
CA VAL A 433 2.90 -21.93 -12.18
C VAL A 433 2.80 -20.43 -11.87
N SER A 434 1.57 -19.96 -11.74
CA SER A 434 1.28 -18.57 -11.40
C SER A 434 0.87 -18.45 -9.94
N ALA A 435 1.24 -17.32 -9.32
CA ALA A 435 0.99 -17.11 -7.91
C ALA A 435 0.63 -15.66 -7.63
N ILE A 436 -0.21 -15.46 -6.63
CA ILE A 436 -0.64 -14.13 -6.18
C ILE A 436 0.08 -13.81 -4.88
N ILE A 437 0.66 -12.62 -4.81
CA ILE A 437 1.37 -12.18 -3.61
C ILE A 437 0.35 -11.56 -2.66
N VAL A 438 0.08 -12.24 -1.55
CA VAL A 438 -0.86 -11.76 -0.55
C VAL A 438 -0.18 -11.17 0.67
N SER A 439 1.15 -11.26 0.77
CA SER A 439 1.88 -10.69 1.88
C SER A 439 3.29 -10.36 1.43
N ASP A 440 3.91 -9.41 2.12
CA ASP A 440 5.28 -9.01 1.79
C ASP A 440 6.23 -10.17 2.08
N ILE A 441 7.04 -10.53 1.08
CA ILE A 441 7.92 -11.69 1.20
C ILE A 441 8.95 -11.47 2.30
N SER A 442 9.72 -10.39 2.19
CA SER A 442 10.83 -10.11 3.10
C SER A 442 11.74 -11.33 3.21
N ALA A 443 11.55 -12.12 4.26
CA ALA A 443 12.28 -13.39 4.47
C ALA A 443 13.78 -13.11 4.45
N PHE A 444 14.57 -14.07 3.99
CA PHE A 444 16.02 -13.91 3.92
C PHE A 444 16.40 -12.93 2.82
MO MOO B . -14.47 -25.76 -0.01
O1 MOO B . -15.77 -26.78 0.89
O2 MOO B . -14.39 -26.06 -1.85
O3 MOO B . -14.91 -23.98 0.47
O4 MOO B . -12.86 -26.17 0.89
C1 GOL C . -4.94 22.89 0.13
O1 GOL C . -6.13 22.15 0.06
C2 GOL C . -3.97 22.40 -0.94
O2 GOL C . -4.67 22.13 -2.12
C3 GOL C . -2.87 23.42 -1.17
O3 GOL C . -2.05 23.02 -2.24
MG MG D . -23.23 -21.86 9.55
#